data_4U9A
#
_entry.id   4U9A
#
_cell.length_a   87.495
_cell.length_b   87.495
_cell.length_c   424.039
_cell.angle_alpha   90.00
_cell.angle_beta   90.00
_cell.angle_gamma   120.00
#
_symmetry.space_group_name_H-M   'P 61 2 2'
#
loop_
_entity.id
_entity.type
_entity.pdbx_description
1 polymer 'Interleukin-1 receptor-associated kinase 4'
2 non-polymer STAUROSPORINE
3 non-polymer 'SULFATE ION'
#
_entity_poly.entity_id   1
_entity_poly.type   'polypeptide(L)'
_entity_poly.pdbx_seq_one_letter_code
;GAMGSENKSLEVSDTRFHSFSFYELKNVTNNFDERPISVGGNKMGEGGFGVVYKGYVNNTTVAVKKLAAMVDITTEELKQ
QFDQEIKVMAKCQHENLVELLGFSSDGDDLCLVYVYMPNGSLLDRLSCLDGTPPLSWHMRCKIAQGAANGINFLHENHHI
HRNIKSANILLDEAFTAKISDFGLARASEKFAQTVMTSRIVGTTAYMAPEALRGEITPKSDIYSFGVVLLEIITGLPAVD
EHREPQLLLDIKEEIEDEEKTIEDYIDKKMNDADSTSVEAMYSVASQCLHEKKNKRPDIKKVQQLLQEMTAS
;
_entity_poly.pdbx_strand_id   A,B
#
loop_
_chem_comp.id
_chem_comp.type
_chem_comp.name
_chem_comp.formula
SO4 non-polymer 'SULFATE ION' 'O4 S -2'
STU non-polymer STAUROSPORINE 'C28 H26 N4 O3'
#
# COMPACT_ATOMS: atom_id res chain seq x y z
N HIS A 18 -2.73 33.43 -19.45
CA HIS A 18 -1.68 34.39 -19.75
C HIS A 18 -0.36 33.70 -20.11
N SER A 19 0.51 34.41 -20.82
CA SER A 19 1.76 33.84 -21.33
C SER A 19 3.00 34.67 -20.94
N PHE A 20 4.03 33.98 -20.45
CA PHE A 20 5.26 34.64 -20.01
C PHE A 20 6.46 34.33 -20.90
N SER A 21 7.48 35.17 -20.82
CA SER A 21 8.74 34.99 -21.54
C SER A 21 9.74 34.14 -20.76
N PHE A 22 10.43 33.23 -21.45
CA PHE A 22 11.44 32.38 -20.81
C PHE A 22 12.65 33.21 -20.37
N TYR A 23 12.83 34.36 -21.01
CA TYR A 23 13.91 35.26 -20.64
C TYR A 23 13.56 36.01 -19.35
N GLU A 24 12.30 36.40 -19.22
CA GLU A 24 11.84 37.15 -18.05
C GLU A 24 11.97 36.33 -16.78
N LEU A 25 11.38 35.14 -16.80
CA LEU A 25 11.38 34.20 -15.67
C LEU A 25 12.79 33.89 -15.18
N LYS A 26 13.73 33.83 -16.11
CA LYS A 26 15.11 33.47 -15.80
C LYS A 26 15.79 34.52 -14.92
N ASN A 27 15.44 35.78 -15.15
CA ASN A 27 16.15 36.88 -14.50
C ASN A 27 15.49 37.40 -13.22
N VAL A 28 14.20 37.14 -13.07
CA VAL A 28 13.48 37.58 -11.87
C VAL A 28 13.58 36.53 -10.75
N THR A 29 14.15 35.37 -11.10
CA THR A 29 14.45 34.32 -10.13
C THR A 29 15.95 34.16 -9.96
N ASN A 30 16.70 35.17 -10.41
CA ASN A 30 18.15 35.19 -10.32
C ASN A 30 18.78 33.97 -10.99
N ASN A 31 18.64 33.93 -12.31
CA ASN A 31 19.04 32.79 -13.14
C ASN A 31 18.74 31.48 -12.43
N PHE A 32 17.54 31.39 -11.87
CA PHE A 32 17.09 30.21 -11.15
C PHE A 32 18.03 29.88 -10.00
N ASP A 33 18.28 30.86 -9.14
CA ASP A 33 19.16 30.70 -7.99
C ASP A 33 18.80 29.47 -7.17
N GLU A 34 19.71 28.50 -7.11
CA GLU A 34 19.42 27.19 -6.55
C GLU A 34 19.39 27.17 -5.02
N ARG A 35 19.93 28.21 -4.39
CA ARG A 35 20.00 28.29 -2.93
C ARG A 35 18.62 28.47 -2.28
N PRO A 36 18.47 27.99 -1.04
CA PRO A 36 17.20 28.10 -0.31
C PRO A 36 16.89 29.54 0.09
N ILE A 37 15.62 29.90 0.20
CA ILE A 37 15.26 31.28 0.52
C ILE A 37 15.69 31.67 1.93
N SER A 38 15.96 30.68 2.77
CA SER A 38 16.48 30.91 4.11
C SER A 38 17.90 31.45 4.06
N VAL A 39 18.64 31.00 3.05
CA VAL A 39 20.01 31.46 2.80
C VAL A 39 20.01 32.79 2.05
N GLY A 40 18.94 33.05 1.29
CA GLY A 40 18.83 34.26 0.51
C GLY A 40 18.74 34.00 -0.98
N GLY A 41 18.55 32.74 -1.36
CA GLY A 41 18.37 32.36 -2.75
C GLY A 41 16.91 32.26 -3.13
N ASN A 42 16.60 31.49 -4.18
CA ASN A 42 15.24 31.46 -4.69
C ASN A 42 14.55 30.10 -4.72
N LYS A 43 15.12 29.11 -4.04
CA LYS A 43 14.58 27.75 -4.12
C LYS A 43 13.56 27.47 -3.02
N MET A 44 12.28 27.57 -3.35
CA MET A 44 11.22 27.38 -2.36
C MET A 44 10.95 25.92 -2.02
N GLY A 45 11.29 25.03 -2.94
CA GLY A 45 11.00 23.61 -2.75
C GLY A 45 11.12 22.80 -4.02
N GLU A 46 10.96 21.49 -3.89
CA GLU A 46 10.98 20.57 -5.03
C GLU A 46 9.73 19.69 -4.99
N GLY A 47 9.11 19.48 -6.14
CA GLY A 47 7.83 18.80 -6.18
C GLY A 47 7.11 19.13 -7.47
N GLY A 48 5.96 18.49 -7.69
CA GLY A 48 5.18 18.70 -8.89
C GLY A 48 5.96 18.48 -10.18
N PHE A 49 7.00 17.64 -10.09
CA PHE A 49 7.82 17.30 -11.25
C PHE A 49 8.62 18.48 -11.77
N GLY A 50 9.27 19.18 -10.84
CA GLY A 50 10.15 20.29 -11.15
C GLY A 50 10.54 21.02 -9.90
N VAL A 51 11.42 22.01 -10.02
CA VAL A 51 11.77 22.82 -8.86
C VAL A 51 11.03 24.17 -8.85
N VAL A 52 10.63 24.60 -7.67
CA VAL A 52 9.83 25.81 -7.51
C VAL A 52 10.66 26.96 -6.96
N TYR A 53 10.85 28.00 -7.78
CA TYR A 53 11.58 29.19 -7.38
C TYR A 53 10.64 30.38 -7.17
N LYS A 54 11.05 31.28 -6.27
CA LYS A 54 10.31 32.52 -6.00
C LYS A 54 10.70 33.59 -7.01
N GLY A 55 9.69 34.23 -7.61
CA GLY A 55 9.95 35.24 -8.61
C GLY A 55 9.20 36.53 -8.38
N TYR A 56 9.68 37.60 -9.03
CA TYR A 56 9.07 38.92 -8.94
C TYR A 56 8.65 39.41 -10.32
N VAL A 57 7.36 39.33 -10.60
CA VAL A 57 6.80 39.87 -11.84
C VAL A 57 5.92 41.07 -11.51
N ASN A 58 6.10 42.16 -12.25
CA ASN A 58 5.55 43.45 -11.86
C ASN A 58 6.12 43.84 -10.50
N ASN A 59 5.27 44.40 -9.65
CA ASN A 59 5.67 44.64 -8.27
C ASN A 59 4.95 43.62 -7.38
N THR A 60 4.88 42.39 -7.88
CA THR A 60 4.22 41.30 -7.16
C THR A 60 5.03 39.99 -7.19
N THR A 61 5.02 39.27 -6.08
CA THR A 61 5.76 38.01 -6.00
C THR A 61 5.02 36.82 -6.61
N VAL A 62 5.75 35.89 -7.23
CA VAL A 62 5.13 34.70 -7.81
C VAL A 62 5.90 33.42 -7.54
N ALA A 63 5.29 32.29 -7.94
CA ALA A 63 5.91 30.96 -7.88
C ALA A 63 6.22 30.42 -9.26
N VAL A 64 7.50 30.26 -9.55
CA VAL A 64 7.95 29.77 -10.85
C VAL A 64 8.43 28.33 -10.77
N LYS A 65 7.76 27.44 -11.50
CA LYS A 65 8.12 26.02 -11.51
C LYS A 65 8.79 25.63 -12.81
N LYS A 66 10.04 25.22 -12.72
CA LYS A 66 10.74 24.69 -13.88
C LYS A 66 10.68 23.18 -13.81
N LEU A 67 10.36 22.53 -14.93
CA LEU A 67 10.10 21.09 -14.93
C LEU A 67 11.38 20.24 -14.98
N ALA A 68 11.33 19.09 -14.31
CA ALA A 68 12.44 18.14 -14.28
C ALA A 68 11.98 16.80 -13.68
N ALA A 69 12.50 15.70 -14.22
CA ALA A 69 12.15 14.37 -13.74
C ALA A 69 12.51 14.19 -12.27
N LEU A 78 8.46 13.99 -21.24
CA LEU A 78 8.20 15.03 -20.23
C LEU A 78 7.03 15.94 -20.63
N LYS A 79 7.04 16.40 -21.89
CA LYS A 79 6.07 17.37 -22.38
C LYS A 79 4.62 17.01 -22.05
N GLN A 80 4.34 15.72 -21.90
CA GLN A 80 3.01 15.23 -21.54
C GLN A 80 2.51 15.85 -20.24
N GLN A 81 3.33 15.78 -19.20
CA GLN A 81 2.97 16.31 -17.89
C GLN A 81 2.71 17.82 -17.92
N PHE A 82 3.38 18.53 -18.81
CA PHE A 82 3.26 19.99 -18.87
C PHE A 82 1.94 20.44 -19.50
N ASP A 83 1.52 19.77 -20.56
CA ASP A 83 0.34 20.19 -21.31
C ASP A 83 -0.94 19.85 -20.53
N GLN A 84 -0.85 18.80 -19.71
CA GLN A 84 -1.99 18.36 -18.90
C GLN A 84 -2.29 19.33 -17.77
N GLU A 85 -1.23 19.89 -17.19
CA GLU A 85 -1.37 20.80 -16.06
C GLU A 85 -2.15 22.05 -16.46
N ILE A 86 -2.05 22.46 -17.71
CA ILE A 86 -2.78 23.62 -18.20
C ILE A 86 -4.19 23.24 -18.63
N LYS A 87 -4.37 21.96 -18.96
CA LYS A 87 -5.69 21.42 -19.27
C LYS A 87 -6.57 21.42 -18.03
N VAL A 88 -6.05 20.87 -16.93
CA VAL A 88 -6.80 20.79 -15.68
C VAL A 88 -6.94 22.16 -15.01
N MET A 89 -5.93 23.01 -15.17
CA MET A 89 -5.97 24.35 -14.58
C MET A 89 -6.99 25.23 -15.30
N ALA A 90 -7.27 24.89 -16.56
CA ALA A 90 -8.21 25.67 -17.36
C ALA A 90 -9.62 25.60 -16.78
N LYS A 91 -10.15 24.37 -16.63
CA LYS A 91 -11.51 24.15 -16.13
C LYS A 91 -11.70 24.61 -14.68
N CYS A 92 -10.68 24.36 -13.84
CA CYS A 92 -10.81 24.51 -12.40
C CYS A 92 -10.05 25.69 -11.78
N GLN A 93 -10.72 26.83 -11.66
CA GLN A 93 -10.22 27.98 -10.90
C GLN A 93 -11.21 28.36 -9.80
N HIS A 94 -10.73 28.44 -8.56
CA HIS A 94 -11.64 28.64 -7.44
C HIS A 94 -10.95 29.37 -6.30
N GLU A 95 -11.74 29.85 -5.35
CA GLU A 95 -11.23 30.69 -4.27
C GLU A 95 -10.26 29.90 -3.41
N ASN A 96 -10.42 28.59 -3.39
CA ASN A 96 -9.56 27.75 -2.58
C ASN A 96 -8.74 26.79 -3.44
N LEU A 97 -8.38 27.22 -4.64
CA LEU A 97 -7.35 26.54 -5.41
C LEU A 97 -6.26 27.52 -5.84
N VAL A 98 -5.01 27.09 -5.80
CA VAL A 98 -3.91 27.96 -6.20
C VAL A 98 -4.00 28.32 -7.65
N GLU A 99 -4.09 29.61 -7.92
CA GLU A 99 -4.32 30.13 -9.26
C GLU A 99 -3.05 30.21 -10.09
N LEU A 100 -3.07 29.55 -11.25
CA LEU A 100 -2.02 29.64 -12.25
C LEU A 100 -2.09 30.99 -12.98
N LEU A 101 -0.94 31.56 -13.31
CA LEU A 101 -0.93 32.87 -13.95
C LEU A 101 -0.46 32.77 -15.40
N GLY A 102 0.57 31.97 -15.64
CA GLY A 102 1.12 31.87 -16.98
C GLY A 102 2.08 30.71 -17.17
N PHE A 103 2.65 30.64 -18.37
CA PHE A 103 3.56 29.55 -18.71
C PHE A 103 4.77 30.00 -19.50
N SER A 104 5.35 29.08 -20.26
CA SER A 104 6.59 29.35 -20.98
C SER A 104 6.94 28.20 -21.92
N LEU A 110 11.68 25.25 -20.11
CA LEU A 110 10.23 25.12 -19.95
C LEU A 110 9.76 25.30 -18.48
N CYS A 111 8.83 26.24 -18.24
CA CYS A 111 8.45 26.67 -16.88
C CYS A 111 6.96 26.99 -16.67
N LEU A 112 6.54 27.10 -15.40
CA LEU A 112 5.16 27.45 -15.04
C LEU A 112 5.06 28.44 -13.87
N VAL A 113 3.94 29.18 -13.81
CA VAL A 113 3.83 30.38 -12.95
C VAL A 113 2.54 30.47 -12.10
N TYR A 114 2.68 30.53 -10.78
CA TYR A 114 1.52 30.53 -9.88
C TYR A 114 1.48 31.73 -8.95
N VAL A 115 0.29 32.08 -8.48
CA VAL A 115 0.15 33.06 -7.41
C VAL A 115 0.96 32.60 -6.21
N TYR A 116 1.63 33.51 -5.53
CA TYR A 116 2.50 33.16 -4.41
C TYR A 116 1.75 33.19 -3.07
N MET A 117 1.90 32.12 -2.29
CA MET A 117 1.25 31.98 -0.97
C MET A 117 2.29 32.10 0.15
N PRO A 118 2.50 33.30 0.69
CA PRO A 118 3.60 33.62 1.61
C PRO A 118 3.48 33.08 3.05
N ASN A 119 2.39 32.41 3.39
CA ASN A 119 2.36 31.76 4.69
C ASN A 119 2.69 30.27 4.59
N GLY A 120 2.87 29.80 3.36
CA GLY A 120 3.40 28.48 3.13
C GLY A 120 2.41 27.34 3.26
N SER A 121 2.91 26.14 3.55
CA SER A 121 2.05 24.96 3.60
C SER A 121 1.42 24.85 4.96
N LEU A 122 0.24 24.23 5.03
CA LEU A 122 -0.43 23.99 6.30
C LEU A 122 0.43 23.14 7.22
N LEU A 123 1.28 22.32 6.63
CA LEU A 123 2.19 21.49 7.41
C LEU A 123 3.18 22.36 8.16
N ASP A 124 3.83 23.27 7.42
CA ASP A 124 4.73 24.25 8.03
C ASP A 124 4.06 24.97 9.19
N ARG A 125 2.82 25.44 8.98
CA ARG A 125 2.07 26.13 10.04
C ARG A 125 1.59 25.23 11.19
N LEU A 126 1.31 23.95 10.93
CA LEU A 126 0.77 23.11 12.00
C LEU A 126 1.86 22.72 12.94
N SER A 127 3.09 22.75 12.42
CA SER A 127 4.25 22.43 13.24
C SER A 127 5.07 23.63 13.67
N CYS A 128 4.59 24.85 13.40
CA CYS A 128 5.29 26.10 13.75
C CYS A 128 6.72 26.12 13.24
N LEU A 129 6.92 25.60 12.03
CA LEU A 129 8.23 25.61 11.42
C LEU A 129 8.78 27.04 11.42
N ASP A 130 10.02 27.21 11.87
CA ASP A 130 10.69 28.52 11.81
C ASP A 130 10.11 29.59 12.77
N GLY A 131 9.43 29.16 13.82
CA GLY A 131 9.06 30.04 14.92
C GLY A 131 7.69 30.68 14.78
N THR A 132 6.99 30.41 13.69
CA THR A 132 5.67 31.03 13.51
C THR A 132 4.71 30.61 14.63
N PRO A 133 3.76 31.47 14.95
CA PRO A 133 2.92 31.12 16.10
C PRO A 133 1.85 30.11 15.76
N PRO A 134 1.47 29.26 16.72
CA PRO A 134 0.47 28.22 16.48
C PRO A 134 -0.90 28.76 16.03
N LEU A 135 -1.41 28.30 14.88
CA LEU A 135 -2.78 28.59 14.45
C LEU A 135 -3.80 28.32 15.55
N SER A 136 -4.76 29.22 15.69
CA SER A 136 -5.83 29.00 16.63
C SER A 136 -6.82 27.97 16.12
N TRP A 137 -7.71 27.51 17.01
CA TRP A 137 -8.77 26.64 16.58
C TRP A 137 -9.62 27.34 15.51
N HIS A 138 -9.95 28.61 15.74
CA HIS A 138 -10.81 29.33 14.77
C HIS A 138 -10.15 29.32 13.39
N MET A 139 -8.86 29.66 13.34
CA MET A 139 -8.14 29.66 12.07
C MET A 139 -8.13 28.25 11.45
N ARG A 140 -7.83 27.22 12.24
CA ARG A 140 -7.83 25.84 11.74
C ARG A 140 -9.19 25.48 11.16
N CYS A 141 -10.27 25.81 11.87
CA CYS A 141 -11.62 25.54 11.35
C CYS A 141 -11.86 26.24 10.03
N LYS A 142 -11.43 27.49 9.91
CA LYS A 142 -11.60 28.23 8.67
C LYS A 142 -10.83 27.53 7.56
N ILE A 143 -9.69 26.95 7.91
CA ILE A 143 -8.82 26.36 6.89
C ILE A 143 -9.37 25.02 6.41
N ALA A 144 -9.89 24.22 7.33
CA ALA A 144 -10.57 22.98 6.94
C ALA A 144 -11.71 23.27 5.97
N GLN A 145 -12.68 24.08 6.40
CA GLN A 145 -13.81 24.52 5.58
C GLN A 145 -13.32 24.99 4.21
N GLY A 146 -12.27 25.79 4.23
CA GLY A 146 -11.68 26.31 3.01
C GLY A 146 -11.21 25.23 2.04
N ALA A 147 -10.36 24.32 2.52
CA ALA A 147 -9.79 23.26 1.69
C ALA A 147 -10.91 22.41 1.15
N ALA A 148 -11.86 22.14 2.02
CA ALA A 148 -12.97 21.25 1.69
C ALA A 148 -13.82 21.86 0.59
N ASN A 149 -13.75 23.17 0.42
CA ASN A 149 -14.40 23.80 -0.73
C ASN A 149 -13.59 23.58 -2.00
N GLY A 150 -12.27 23.47 -1.85
CA GLY A 150 -11.39 23.27 -2.98
C GLY A 150 -11.69 21.93 -3.60
N ILE A 151 -11.68 20.90 -2.75
CA ILE A 151 -11.98 19.54 -3.18
C ILE A 151 -13.39 19.48 -3.78
N ASN A 152 -14.39 20.05 -3.11
CA ASN A 152 -15.75 20.05 -3.66
C ASN A 152 -15.82 20.64 -5.06
N PHE A 153 -14.96 21.61 -5.34
CA PHE A 153 -14.93 22.20 -6.67
C PHE A 153 -14.32 21.24 -7.69
N LEU A 154 -13.26 20.55 -7.30
CA LEU A 154 -12.63 19.59 -8.19
C LEU A 154 -13.57 18.42 -8.49
N HIS A 155 -14.26 17.91 -7.47
CA HIS A 155 -15.23 16.85 -7.71
C HIS A 155 -16.45 17.33 -8.51
N GLU A 156 -16.95 18.54 -8.24
CA GLU A 156 -18.02 19.12 -9.07
C GLU A 156 -17.63 19.09 -10.54
N ASN A 157 -16.37 19.41 -10.82
CA ASN A 157 -15.87 19.45 -12.18
C ASN A 157 -15.15 18.17 -12.58
N HIS A 158 -15.49 17.08 -11.88
CA HIS A 158 -15.10 15.72 -12.26
C HIS A 158 -13.60 15.52 -12.40
N HIS A 159 -12.87 15.93 -11.37
CA HIS A 159 -11.43 15.70 -11.28
C HIS A 159 -11.09 15.00 -9.99
N ILE A 160 -9.94 14.33 -10.00
CA ILE A 160 -9.43 13.75 -8.78
C ILE A 160 -8.02 14.26 -8.51
N HIS A 161 -7.81 14.79 -7.30
CA HIS A 161 -6.51 15.35 -6.97
C HIS A 161 -5.41 14.30 -6.85
N ARG A 162 -5.73 13.19 -6.19
CA ARG A 162 -4.79 12.08 -5.96
C ARG A 162 -3.55 12.39 -5.14
N ASN A 163 -3.50 13.53 -4.46
CA ASN A 163 -2.33 13.84 -3.64
C ASN A 163 -2.68 14.92 -2.62
N ILE A 164 -3.84 14.72 -2.00
CA ILE A 164 -4.29 15.61 -0.95
C ILE A 164 -3.50 15.32 0.31
N LYS A 165 -2.79 16.33 0.78
CA LYS A 165 -2.02 16.21 1.99
C LYS A 165 -1.63 17.61 2.45
N SER A 166 -1.22 17.75 3.69
CA SER A 166 -1.09 19.07 4.27
C SER A 166 0.11 19.88 3.74
N ALA A 167 0.96 19.28 2.93
CA ALA A 167 2.12 20.00 2.41
C ALA A 167 1.76 20.56 1.03
N ASN A 168 0.51 20.32 0.65
CA ASN A 168 -0.03 20.74 -0.62
C ASN A 168 -1.27 21.56 -0.39
N ILE A 169 -1.53 21.86 0.87
CA ILE A 169 -2.48 22.90 1.16
C ILE A 169 -1.65 24.11 1.56
N LEU A 170 -1.51 25.03 0.62
CA LEU A 170 -0.80 26.29 0.83
C LEU A 170 -1.71 27.33 1.49
N LEU A 171 -1.10 28.34 2.09
CA LEU A 171 -1.83 29.41 2.77
C LEU A 171 -1.38 30.84 2.35
N ASP A 172 -2.30 31.68 1.87
CA ASP A 172 -1.91 33.05 1.45
C ASP A 172 -1.86 34.09 2.58
N GLU A 173 -1.87 35.37 2.23
CA GLU A 173 -1.70 36.40 3.25
C GLU A 173 -2.85 36.43 4.27
N ALA A 174 -3.99 35.86 3.91
CA ALA A 174 -5.14 35.89 4.82
C ALA A 174 -5.40 34.54 5.49
N PHE A 175 -4.49 33.59 5.31
CA PHE A 175 -4.67 32.20 5.78
C PHE A 175 -5.91 31.56 5.14
N THR A 176 -6.07 31.83 3.85
CA THR A 176 -7.08 31.19 3.04
C THR A 176 -6.49 29.89 2.51
N ALA A 177 -7.29 28.82 2.45
CA ALA A 177 -6.74 27.55 1.98
C ALA A 177 -6.58 27.61 0.48
N LYS A 178 -5.37 27.32 0.02
CA LYS A 178 -5.16 27.18 -1.41
C LYS A 178 -4.45 25.87 -1.72
N ILE A 179 -5.18 24.95 -2.37
CA ILE A 179 -4.68 23.61 -2.69
C ILE A 179 -3.69 23.60 -3.85
N SER A 180 -2.48 23.11 -3.60
CA SER A 180 -1.43 23.13 -4.62
C SER A 180 -1.20 21.77 -5.32
N ASP A 181 0.01 21.63 -5.88
CA ASP A 181 0.52 20.44 -6.58
C ASP A 181 -0.53 19.60 -7.27
N PHE A 182 -0.84 19.92 -8.52
CA PHE A 182 -1.77 19.11 -9.30
C PHE A 182 -1.02 18.10 -10.14
N GLY A 183 0.18 17.73 -9.70
CA GLY A 183 1.04 16.84 -10.45
C GLY A 183 0.53 15.42 -10.65
N LEU A 184 -0.70 15.16 -10.21
CA LEU A 184 -1.31 13.84 -10.39
C LEU A 184 -2.76 13.97 -10.85
N ALA A 185 -3.20 15.21 -11.06
CA ALA A 185 -4.58 15.48 -11.45
C ALA A 185 -4.80 15.20 -12.93
N THR A 194 -15.44 1.23 -12.13
CA THR A 194 -14.12 1.22 -11.50
C THR A 194 -13.02 1.62 -12.50
N VAL A 195 -12.04 2.37 -12.00
CA VAL A 195 -10.92 2.82 -12.81
C VAL A 195 -9.59 2.34 -12.22
N MET A 196 -8.96 1.37 -12.88
CA MET A 196 -7.71 0.80 -12.39
C MET A 196 -6.48 1.46 -13.01
N THR A 197 -5.30 0.99 -12.61
CA THR A 197 -4.04 1.48 -13.17
C THR A 197 -2.86 0.68 -12.62
N SER A 198 -1.82 0.55 -13.43
CA SER A 198 -0.58 -0.08 -13.00
C SER A 198 0.42 0.99 -12.56
N ARG A 199 -0.03 2.25 -12.61
CA ARG A 199 0.78 3.38 -12.16
C ARG A 199 0.27 3.92 -10.83
N ILE A 200 0.55 3.19 -9.76
CA ILE A 200 0.14 3.56 -8.41
C ILE A 200 1.01 4.69 -7.86
N VAL A 201 0.39 5.80 -7.49
CA VAL A 201 1.14 6.94 -6.98
C VAL A 201 0.29 7.89 -6.11
N GLY A 202 0.95 8.46 -5.10
CA GLY A 202 0.33 9.29 -4.09
C GLY A 202 1.31 9.36 -2.94
N THR A 203 0.82 9.62 -1.74
CA THR A 203 1.67 9.66 -0.54
C THR A 203 1.14 8.63 0.44
N THR A 204 1.91 7.57 0.68
CA THR A 204 1.35 6.37 1.34
C THR A 204 0.75 6.67 2.72
N ALA A 205 1.38 7.56 3.49
CA ALA A 205 0.84 7.89 4.81
C ALA A 205 -0.57 8.46 4.72
N TYR A 206 -0.94 8.93 3.53
CA TYR A 206 -2.24 9.58 3.28
C TYR A 206 -3.21 8.77 2.41
N MET A 207 -2.68 7.78 1.69
CA MET A 207 -3.48 7.10 0.69
C MET A 207 -4.48 6.17 1.32
N ALA A 208 -5.67 6.08 0.73
CA ALA A 208 -6.67 5.14 1.18
C ALA A 208 -6.35 3.71 0.68
N PRO A 209 -7.00 2.71 1.29
CA PRO A 209 -6.67 1.32 0.92
C PRO A 209 -6.94 1.02 -0.55
N GLU A 210 -8.05 1.49 -1.09
CA GLU A 210 -8.38 1.16 -2.47
C GLU A 210 -7.42 1.86 -3.44
N ALA A 211 -6.80 2.95 -3.00
CA ALA A 211 -5.84 3.65 -3.84
C ALA A 211 -4.46 2.97 -3.84
N LEU A 212 -4.09 2.40 -2.70
CA LEU A 212 -2.85 1.63 -2.55
C LEU A 212 -2.78 0.51 -3.56
N ARG A 213 -3.95 -0.03 -3.92
CA ARG A 213 -4.04 -1.14 -4.86
C ARG A 213 -4.12 -0.69 -6.31
N GLY A 214 -4.47 0.57 -6.53
CA GLY A 214 -4.50 1.10 -7.88
C GLY A 214 -5.80 1.73 -8.36
N GLU A 215 -6.85 1.69 -7.55
CA GLU A 215 -8.12 2.29 -7.95
C GLU A 215 -8.05 3.82 -7.94
N ILE A 216 -8.66 4.44 -8.94
CA ILE A 216 -8.73 5.89 -9.02
C ILE A 216 -10.17 6.39 -8.86
N THR A 217 -10.46 6.99 -7.71
CA THR A 217 -11.81 7.43 -7.40
C THR A 217 -11.82 8.60 -6.43
N PRO A 218 -12.84 9.48 -6.53
CA PRO A 218 -12.93 10.63 -5.64
C PRO A 218 -13.00 10.20 -4.18
N LYS A 219 -13.67 9.09 -3.90
CA LYS A 219 -13.74 8.57 -2.53
C LYS A 219 -12.36 8.43 -1.88
N SER A 220 -11.30 8.39 -2.67
CA SER A 220 -9.94 8.29 -2.12
C SER A 220 -9.47 9.64 -1.59
N ASP A 221 -9.87 10.72 -2.24
CA ASP A 221 -9.53 12.07 -1.78
C ASP A 221 -10.16 12.39 -0.44
N ILE A 222 -11.40 11.95 -0.23
CA ILE A 222 -12.03 12.10 1.08
C ILE A 222 -11.14 11.47 2.16
N TYR A 223 -10.76 10.22 1.95
CA TYR A 223 -9.90 9.48 2.88
C TYR A 223 -8.69 10.30 3.24
N SER A 224 -7.93 10.71 2.24
CA SER A 224 -6.72 11.47 2.49
C SER A 224 -7.03 12.76 3.24
N PHE A 225 -8.14 13.39 2.87
CA PHE A 225 -8.57 14.62 3.50
C PHE A 225 -8.87 14.40 5.00
N GLY A 226 -9.38 13.20 5.30
CA GLY A 226 -9.57 12.77 6.67
C GLY A 226 -8.29 12.84 7.49
N VAL A 227 -7.18 12.40 6.92
CA VAL A 227 -5.89 12.49 7.57
C VAL A 227 -5.45 13.94 7.80
N VAL A 228 -5.63 14.81 6.80
CA VAL A 228 -5.36 16.25 6.96
C VAL A 228 -6.11 16.84 8.18
N LEU A 229 -7.37 16.43 8.37
CA LEU A 229 -8.11 16.85 9.56
C LEU A 229 -7.44 16.37 10.86
N LEU A 230 -6.95 15.15 10.88
CA LEU A 230 -6.34 14.68 12.11
C LEU A 230 -5.07 15.48 12.43
N GLU A 231 -4.38 15.99 11.42
CA GLU A 231 -3.20 16.84 11.68
C GLU A 231 -3.65 18.15 12.30
N ILE A 232 -4.76 18.68 11.79
CA ILE A 232 -5.29 19.96 12.29
C ILE A 232 -5.75 19.86 13.75
N ILE A 233 -6.42 18.77 14.11
CA ILE A 233 -6.81 18.50 15.50
C ILE A 233 -5.62 18.25 16.43
N THR A 234 -4.61 17.54 15.93
CA THR A 234 -3.50 17.07 16.78
C THR A 234 -2.19 17.86 16.61
N GLY A 235 -1.96 18.38 15.41
CA GLY A 235 -0.71 19.07 15.14
C GLY A 235 0.42 18.10 14.90
N LEU A 236 0.11 16.80 14.96
CA LEU A 236 1.07 15.72 14.69
C LEU A 236 1.19 15.41 13.19
N PRO A 237 2.38 15.01 12.78
CA PRO A 237 2.64 14.53 11.40
C PRO A 237 1.87 13.25 11.02
N ALA A 238 1.46 13.15 9.75
CA ALA A 238 0.76 11.97 9.25
C ALA A 238 1.57 10.67 9.41
N VAL A 239 2.89 10.78 9.35
CA VAL A 239 3.72 9.64 9.75
C VAL A 239 4.93 10.12 10.55
N ASP A 240 5.37 9.29 11.50
CA ASP A 240 6.56 9.57 12.31
C ASP A 240 7.29 8.26 12.69
N GLU A 241 8.50 8.09 12.21
CA GLU A 241 9.23 6.85 12.43
C GLU A 241 9.38 6.46 13.90
N HIS A 242 9.61 7.44 14.79
CA HIS A 242 9.96 7.12 16.18
C HIS A 242 8.78 7.23 17.12
N ARG A 243 7.56 7.11 16.58
CA ARG A 243 6.35 7.23 17.40
C ARG A 243 5.41 6.04 17.27
N GLU A 244 4.74 5.69 18.36
CA GLU A 244 3.76 4.63 18.31
C GLU A 244 2.37 5.19 18.55
N PRO A 245 1.49 5.17 17.54
CA PRO A 245 1.57 4.59 16.20
C PRO A 245 2.28 5.47 15.20
N GLN A 246 2.96 4.86 14.24
CA GLN A 246 3.72 5.63 13.27
C GLN A 246 2.81 6.34 12.30
N LEU A 247 1.69 5.73 11.97
CA LEU A 247 0.74 6.36 11.07
C LEU A 247 -0.36 7.03 11.87
N LEU A 248 -0.43 8.35 11.74
CA LEU A 248 -1.42 9.14 12.45
C LEU A 248 -2.80 8.53 12.22
N LEU A 249 -3.04 7.98 11.04
CA LEU A 249 -4.38 7.51 10.77
C LEU A 249 -4.72 6.33 11.69
N ASP A 250 -3.74 5.84 12.43
CA ASP A 250 -3.98 4.73 13.34
C ASP A 250 -4.58 5.18 14.67
N ILE A 251 -4.49 6.46 15.01
CA ILE A 251 -4.99 6.88 16.33
C ILE A 251 -6.50 6.70 16.37
N LYS A 252 -7.13 6.75 15.19
CA LYS A 252 -8.57 6.51 15.11
C LYS A 252 -8.95 5.16 15.75
N GLU A 253 -8.17 4.12 15.49
CA GLU A 253 -8.49 2.82 16.05
C GLU A 253 -8.32 2.86 17.57
N GLU A 254 -7.26 3.52 18.01
CA GLU A 254 -6.97 3.66 19.42
C GLU A 254 -8.16 4.30 20.15
N ILE A 255 -8.87 5.20 19.45
CA ILE A 255 -9.98 5.91 20.05
C ILE A 255 -11.29 5.11 20.02
N GLU A 256 -11.51 4.31 18.98
CA GLU A 256 -12.68 3.42 18.94
C GLU A 256 -12.57 2.35 20.01
N ASP A 257 -11.37 1.78 20.15
CA ASP A 257 -11.11 0.76 21.15
C ASP A 257 -10.98 1.38 22.53
N GLU A 258 -11.31 2.66 22.63
CA GLU A 258 -11.32 3.40 23.89
C GLU A 258 -10.03 3.24 24.70
N GLU A 259 -8.95 2.87 24.00
CA GLU A 259 -7.62 2.88 24.59
C GLU A 259 -7.17 4.33 24.79
N LYS A 260 -7.89 5.25 24.14
CA LYS A 260 -7.63 6.68 24.23
C LYS A 260 -8.90 7.48 23.99
N THR A 261 -8.83 8.78 24.27
CA THR A 261 -9.93 9.68 23.95
C THR A 261 -9.36 10.80 23.11
N ILE A 262 -10.20 11.49 22.34
CA ILE A 262 -9.74 12.63 21.54
C ILE A 262 -9.00 13.69 22.36
N GLU A 263 -9.48 13.97 23.56
CA GLU A 263 -8.81 14.89 24.48
C GLU A 263 -7.35 14.53 24.73
N ASP A 264 -6.94 13.33 24.33
CA ASP A 264 -5.57 12.92 24.57
C ASP A 264 -4.68 13.29 23.39
N TYR A 265 -5.25 13.40 22.20
CA TYR A 265 -4.46 13.74 21.04
C TYR A 265 -4.52 15.23 20.61
N ILE A 266 -5.43 16.00 21.21
CA ILE A 266 -5.68 17.40 20.82
C ILE A 266 -4.43 18.24 20.92
N ASP A 267 -4.11 18.96 19.83
CA ASP A 267 -2.98 19.90 19.85
C ASP A 267 -3.12 20.87 21.03
N LYS A 268 -2.13 20.84 21.92
CA LYS A 268 -2.18 21.68 23.11
C LYS A 268 -1.53 23.03 22.86
N LYS A 269 -1.08 23.26 21.63
CA LYS A 269 -0.49 24.54 21.28
C LYS A 269 -1.62 25.45 20.82
N MET A 270 -2.67 25.55 21.63
CA MET A 270 -3.80 26.38 21.26
C MET A 270 -4.87 26.50 22.36
N ASN A 271 -5.35 27.71 22.58
CA ASN A 271 -6.15 27.98 23.76
C ASN A 271 -7.60 28.30 23.49
N ASP A 272 -8.06 28.15 22.27
CA ASP A 272 -9.45 28.51 21.99
C ASP A 272 -10.26 27.34 21.45
N ALA A 273 -9.74 26.13 21.61
CA ALA A 273 -10.46 24.96 21.13
C ALA A 273 -11.48 24.54 22.17
N ASP A 274 -12.73 24.40 21.76
CA ASP A 274 -13.75 23.89 22.66
C ASP A 274 -14.06 22.42 22.32
N SER A 275 -14.19 21.60 23.37
CA SER A 275 -14.49 20.18 23.22
C SER A 275 -15.60 19.92 22.24
N THR A 276 -16.66 20.71 22.33
CA THR A 276 -17.83 20.53 21.47
C THR A 276 -17.47 20.45 19.99
N SER A 277 -16.82 21.49 19.47
CA SER A 277 -16.56 21.56 18.04
C SER A 277 -15.33 20.74 17.62
N VAL A 278 -14.42 20.51 18.57
CA VAL A 278 -13.31 19.60 18.30
C VAL A 278 -13.86 18.20 18.08
N GLU A 279 -14.75 17.75 18.96
CA GLU A 279 -15.35 16.44 18.82
C GLU A 279 -16.07 16.37 17.49
N ALA A 280 -16.77 17.44 17.13
CA ALA A 280 -17.51 17.45 15.88
C ALA A 280 -16.62 17.32 14.64
N MET A 281 -15.46 17.96 14.66
CA MET A 281 -14.55 17.84 13.51
C MET A 281 -14.01 16.40 13.42
N TYR A 282 -13.60 15.85 14.56
CA TYR A 282 -13.10 14.46 14.63
C TYR A 282 -14.09 13.49 14.03
N SER A 283 -15.35 13.62 14.39
CA SER A 283 -16.39 12.73 13.87
C SER A 283 -16.50 12.83 12.36
N VAL A 284 -16.00 13.94 11.81
CA VAL A 284 -15.97 14.11 10.37
C VAL A 284 -14.73 13.42 9.82
N ALA A 285 -13.60 13.66 10.47
CA ALA A 285 -12.34 12.97 10.12
C ALA A 285 -12.58 11.48 10.09
N SER A 286 -13.04 10.95 11.22
CA SER A 286 -13.42 9.56 11.37
C SER A 286 -14.21 8.98 10.19
N GLN A 287 -15.20 9.72 9.71
CA GLN A 287 -16.06 9.23 8.63
C GLN A 287 -15.34 9.23 7.30
N CYS A 288 -14.53 10.25 7.04
CA CYS A 288 -13.73 10.24 5.82
C CYS A 288 -12.77 9.06 5.84
N LEU A 289 -12.64 8.44 7.00
CA LEU A 289 -11.64 7.41 7.25
C LEU A 289 -12.19 5.97 7.28
N HIS A 290 -13.47 5.80 6.92
CA HIS A 290 -14.02 4.47 6.85
C HIS A 290 -13.28 3.72 5.75
N GLU A 291 -13.20 2.40 5.92
CA GLU A 291 -12.36 1.56 5.08
C GLU A 291 -13.06 1.21 3.79
N LYS A 292 -14.37 1.03 3.87
CA LYS A 292 -15.18 0.76 2.70
C LYS A 292 -15.54 2.06 2.00
N LYS A 293 -14.91 2.30 0.85
CA LYS A 293 -15.04 3.52 0.06
C LYS A 293 -16.48 4.07 -0.12
N ASN A 294 -17.49 3.21 0.01
CA ASN A 294 -18.88 3.64 -0.20
C ASN A 294 -19.56 4.05 1.10
N LYS A 295 -18.94 3.70 2.23
CA LYS A 295 -19.44 4.13 3.52
C LYS A 295 -18.87 5.48 3.89
N ARG A 296 -18.04 6.03 3.01
CA ARG A 296 -17.47 7.36 3.19
C ARG A 296 -18.42 8.42 2.65
N PRO A 297 -18.40 9.60 3.26
CA PRO A 297 -19.13 10.78 2.81
C PRO A 297 -18.60 11.35 1.50
N ASP A 298 -19.50 11.75 0.59
CA ASP A 298 -19.11 12.59 -0.53
C ASP A 298 -18.70 14.00 -0.04
N ILE A 299 -17.91 14.73 -0.83
CA ILE A 299 -17.33 16.01 -0.39
C ILE A 299 -18.36 17.11 -0.11
N LYS A 300 -19.58 16.94 -0.60
CA LYS A 300 -20.63 17.91 -0.34
C LYS A 300 -21.14 17.74 1.09
N LYS A 301 -21.23 16.49 1.54
CA LYS A 301 -21.65 16.19 2.90
C LYS A 301 -20.55 16.53 3.93
N VAL A 302 -19.31 16.65 3.46
CA VAL A 302 -18.22 17.15 4.30
C VAL A 302 -18.31 18.67 4.38
N GLN A 303 -18.72 19.30 3.28
CA GLN A 303 -18.94 20.73 3.32
C GLN A 303 -19.97 21.10 4.37
N GLN A 304 -21.05 20.31 4.45
CA GLN A 304 -22.11 20.59 5.43
C GLN A 304 -21.66 20.32 6.85
N LEU A 305 -21.13 19.13 7.11
CA LEU A 305 -20.74 18.72 8.45
C LEU A 305 -19.75 19.72 9.07
N LEU A 306 -18.92 20.33 8.24
CA LEU A 306 -17.94 21.31 8.71
C LEU A 306 -18.54 22.70 8.87
N GLN A 307 -19.44 23.07 7.96
CA GLN A 307 -20.17 24.32 8.07
C GLN A 307 -21.10 24.27 9.29
N GLU A 308 -21.70 23.10 9.52
CA GLU A 308 -22.60 22.90 10.67
C GLU A 308 -21.83 22.84 11.97
N MET A 309 -20.51 22.92 11.87
CA MET A 309 -19.61 22.88 13.01
C MET A 309 -19.36 24.30 13.57
N THR A 310 -19.94 25.31 12.91
CA THR A 310 -19.78 26.69 13.38
C THR A 310 -21.03 27.55 13.16
N HIS B 18 24.25 -30.29 6.06
CA HIS B 18 25.21 -30.92 5.15
C HIS B 18 26.01 -29.88 4.36
N SER B 19 27.01 -30.32 3.60
CA SER B 19 27.80 -29.42 2.75
C SER B 19 28.11 -30.07 1.40
N PHE B 20 28.14 -29.26 0.34
CA PHE B 20 28.27 -29.78 -1.03
C PHE B 20 29.46 -29.23 -1.82
N SER B 21 29.66 -29.81 -3.00
CA SER B 21 30.65 -29.35 -3.96
C SER B 21 30.00 -28.59 -5.10
N PHE B 22 30.47 -27.37 -5.34
CA PHE B 22 29.92 -26.49 -6.37
C PHE B 22 29.88 -27.14 -7.76
N TYR B 23 30.92 -27.89 -8.10
CA TYR B 23 31.05 -28.48 -9.43
C TYR B 23 30.20 -29.74 -9.59
N GLU B 24 29.76 -30.32 -8.49
CA GLU B 24 28.86 -31.46 -8.56
C GLU B 24 27.42 -30.99 -8.74
N LEU B 25 27.13 -29.80 -8.23
CA LEU B 25 25.83 -29.18 -8.44
C LEU B 25 25.74 -28.68 -9.88
N LYS B 26 26.89 -28.32 -10.46
CA LYS B 26 26.97 -28.04 -11.88
C LYS B 26 26.63 -29.28 -12.73
N ASN B 27 27.04 -30.45 -12.25
CA ASN B 27 26.80 -31.71 -12.96
C ASN B 27 25.40 -32.27 -12.79
N VAL B 28 24.89 -32.18 -11.56
CA VAL B 28 23.60 -32.76 -11.24
C VAL B 28 22.44 -31.88 -11.71
N THR B 29 22.74 -30.66 -12.12
CA THR B 29 21.72 -29.76 -12.64
C THR B 29 21.91 -29.47 -14.12
N ASN B 30 22.85 -30.17 -14.73
CA ASN B 30 23.08 -30.06 -16.17
C ASN B 30 23.69 -28.70 -16.55
N ASN B 31 24.82 -28.37 -15.93
CA ASN B 31 25.49 -27.09 -16.16
C ASN B 31 24.58 -25.92 -15.77
N PHE B 32 23.65 -26.20 -14.85
CA PHE B 32 22.61 -25.26 -14.48
C PHE B 32 21.80 -24.84 -15.70
N ASP B 33 21.08 -25.77 -16.30
CA ASP B 33 20.35 -25.49 -17.53
C ASP B 33 19.28 -24.43 -17.29
N GLU B 34 19.58 -23.21 -17.72
CA GLU B 34 18.73 -22.05 -17.48
C GLU B 34 17.29 -22.27 -17.99
N ARG B 35 17.11 -23.09 -19.02
CA ARG B 35 15.80 -23.29 -19.61
C ARG B 35 14.81 -23.91 -18.62
N PRO B 36 13.52 -23.59 -18.74
CA PRO B 36 12.52 -24.16 -17.83
C PRO B 36 12.36 -25.65 -18.03
N ILE B 37 11.81 -26.34 -17.04
CA ILE B 37 11.56 -27.76 -17.13
C ILE B 37 10.69 -28.12 -18.33
N SER B 38 9.64 -27.33 -18.55
CA SER B 38 8.64 -27.68 -19.57
C SER B 38 9.19 -27.77 -20.99
N VAL B 39 10.50 -27.66 -21.14
CA VAL B 39 11.13 -27.77 -22.45
C VAL B 39 12.45 -28.49 -22.40
N GLY B 40 12.79 -29.07 -21.26
CA GLY B 40 13.97 -29.93 -21.19
C GLY B 40 15.15 -29.44 -20.37
N GLY B 41 14.97 -28.32 -19.69
CA GLY B 41 16.02 -27.75 -18.85
C GLY B 41 15.83 -28.12 -17.39
N ASN B 42 16.41 -27.32 -16.49
CA ASN B 42 16.43 -27.62 -15.07
C ASN B 42 15.90 -26.48 -14.18
N LYS B 43 15.63 -25.33 -14.79
CA LYS B 43 15.07 -24.19 -14.05
C LYS B 43 13.63 -24.43 -13.62
N MET B 44 13.40 -24.47 -12.31
CA MET B 44 12.07 -24.66 -11.80
C MET B 44 11.36 -23.33 -11.54
N GLY B 45 12.13 -22.30 -11.21
CA GLY B 45 11.55 -21.00 -10.94
C GLY B 45 12.60 -20.00 -10.47
N GLU B 46 12.18 -18.75 -10.29
CA GLU B 46 13.06 -17.70 -9.76
C GLU B 46 12.44 -17.11 -8.50
N GLY B 47 13.25 -17.00 -7.46
CA GLY B 47 12.79 -16.53 -6.16
C GLY B 47 13.88 -16.58 -5.10
N GLY B 48 13.62 -16.02 -3.93
CA GLY B 48 14.60 -16.01 -2.86
C GLY B 48 15.99 -15.50 -3.24
N PHE B 49 16.04 -14.47 -4.09
CA PHE B 49 17.31 -13.85 -4.50
C PHE B 49 18.20 -14.77 -5.32
N GLY B 50 17.61 -15.49 -6.28
CA GLY B 50 18.36 -16.43 -7.10
C GLY B 50 17.49 -17.37 -7.92
N VAL B 51 18.10 -18.19 -8.75
CA VAL B 51 17.32 -19.15 -9.52
C VAL B 51 17.34 -20.53 -8.81
N VAL B 52 16.38 -21.39 -9.16
CA VAL B 52 16.15 -22.63 -8.44
C VAL B 52 16.04 -23.79 -9.41
N TYR B 53 17.06 -24.64 -9.44
CA TYR B 53 17.10 -25.73 -10.40
C TYR B 53 16.76 -27.08 -9.75
N LYS B 54 16.52 -28.08 -10.60
CA LYS B 54 16.20 -29.42 -10.15
C LYS B 54 17.41 -30.30 -10.30
N GLY B 55 17.88 -30.86 -9.19
CA GLY B 55 19.09 -31.66 -9.19
C GLY B 55 18.88 -33.07 -8.70
N TYR B 56 19.80 -33.96 -9.03
CA TYR B 56 19.78 -35.29 -8.47
C TYR B 56 21.17 -35.65 -7.96
N VAL B 57 21.22 -36.10 -6.72
CA VAL B 57 22.48 -36.47 -6.12
C VAL B 57 22.30 -37.51 -5.01
N ASN B 58 22.87 -38.70 -5.21
CA ASN B 58 22.93 -39.72 -4.16
C ASN B 58 21.54 -40.18 -3.74
N ASN B 59 20.81 -40.78 -4.67
CA ASN B 59 19.49 -41.34 -4.38
C ASN B 59 18.47 -40.33 -3.83
N THR B 60 18.68 -39.06 -4.14
CA THR B 60 17.79 -38.01 -3.65
C THR B 60 17.58 -36.93 -4.71
N THR B 61 16.36 -36.78 -5.22
CA THR B 61 16.11 -35.60 -6.04
C THR B 61 16.06 -34.31 -5.18
N VAL B 62 16.85 -33.31 -5.57
CA VAL B 62 16.91 -32.04 -4.83
C VAL B 62 16.51 -30.80 -5.62
N ALA B 63 16.33 -29.68 -4.92
CA ALA B 63 16.12 -28.38 -5.54
C ALA B 63 17.30 -27.49 -5.19
N VAL B 64 18.00 -26.96 -6.19
CA VAL B 64 19.17 -26.15 -5.90
C VAL B 64 18.96 -24.69 -6.27
N LYS B 65 19.24 -23.81 -5.31
CA LYS B 65 19.06 -22.37 -5.48
C LYS B 65 20.42 -21.68 -5.52
N LYS B 66 20.86 -21.35 -6.73
CA LYS B 66 22.09 -20.60 -6.93
C LYS B 66 21.77 -19.12 -6.73
N LEU B 67 22.41 -18.50 -5.73
CA LEU B 67 22.22 -17.07 -5.44
C LEU B 67 22.86 -16.19 -6.50
N ALA B 68 22.24 -15.05 -6.78
CA ALA B 68 22.71 -14.19 -7.88
C ALA B 68 22.97 -12.74 -7.45
N ALA B 69 22.85 -11.83 -8.41
CA ALA B 69 23.17 -10.43 -8.18
C ALA B 69 22.09 -9.49 -8.74
N LEU B 78 27.59 -8.67 0.85
CA LEU B 78 26.50 -9.53 0.40
C LEU B 78 26.41 -10.83 1.19
N LYS B 79 27.50 -11.59 1.17
CA LYS B 79 27.55 -12.99 1.57
C LYS B 79 26.92 -13.30 2.93
N GLN B 80 26.84 -12.29 3.79
CA GLN B 80 26.12 -12.43 5.06
C GLN B 80 24.72 -12.98 4.79
N GLN B 81 24.15 -12.57 3.65
CA GLN B 81 22.83 -13.04 3.21
C GLN B 81 22.76 -14.56 3.09
N PHE B 82 23.80 -15.13 2.48
CA PHE B 82 23.88 -16.57 2.24
C PHE B 82 23.93 -17.38 3.53
N ASP B 83 24.51 -16.80 4.58
CA ASP B 83 24.65 -17.48 5.87
C ASP B 83 23.51 -17.10 6.81
N GLN B 84 22.74 -16.09 6.43
CA GLN B 84 21.68 -15.60 7.30
C GLN B 84 20.41 -16.41 7.12
N GLU B 85 20.26 -17.04 5.96
CA GLU B 85 19.13 -17.94 5.73
C GLU B 85 19.44 -19.32 6.31
N ILE B 86 20.72 -19.69 6.33
CA ILE B 86 21.14 -20.93 6.98
C ILE B 86 20.92 -20.83 8.49
N LYS B 87 20.94 -19.60 9.00
CA LYS B 87 20.57 -19.32 10.38
C LYS B 87 19.13 -19.74 10.65
N VAL B 88 18.21 -19.02 10.01
CA VAL B 88 16.78 -19.26 10.14
C VAL B 88 16.43 -20.74 9.97
N MET B 89 16.88 -21.33 8.86
CA MET B 89 16.54 -22.71 8.50
C MET B 89 17.14 -23.70 9.49
N ALA B 90 18.08 -23.25 10.29
CA ALA B 90 18.69 -24.10 11.31
C ALA B 90 17.67 -24.41 12.41
N LYS B 91 16.94 -23.40 12.85
CA LYS B 91 15.93 -23.57 13.89
C LYS B 91 14.64 -24.13 13.29
N CYS B 92 14.14 -23.47 12.24
CA CYS B 92 12.84 -23.78 11.66
C CYS B 92 12.82 -25.10 10.90
N GLN B 93 12.63 -26.20 11.63
CA GLN B 93 12.33 -27.48 11.01
C GLN B 93 10.98 -27.96 11.55
N HIS B 94 10.04 -28.20 10.65
CA HIS B 94 8.67 -28.48 11.04
C HIS B 94 7.99 -29.24 9.92
N GLU B 95 7.05 -30.12 10.26
CA GLU B 95 6.34 -30.92 9.26
C GLU B 95 5.88 -30.12 8.04
N ASN B 96 5.60 -28.83 8.24
CA ASN B 96 4.99 -28.03 7.17
C ASN B 96 5.89 -26.95 6.56
N LEU B 97 7.17 -26.95 6.91
CA LEU B 97 8.12 -26.07 6.24
C LEU B 97 9.03 -26.89 5.35
N VAL B 98 9.45 -26.32 4.22
CA VAL B 98 10.41 -26.97 3.33
C VAL B 98 11.72 -27.06 4.05
N GLU B 99 12.30 -28.25 4.05
CA GLU B 99 13.49 -28.52 4.86
C GLU B 99 14.76 -28.29 4.06
N LEU B 100 15.76 -27.68 4.69
CA LEU B 100 17.04 -27.45 4.01
C LEU B 100 17.93 -28.70 4.16
N LEU B 101 18.60 -29.10 3.09
CA LEU B 101 19.48 -30.27 3.13
C LEU B 101 20.94 -29.87 3.30
N GLY B 102 21.34 -28.76 2.69
CA GLY B 102 22.71 -28.31 2.80
C GLY B 102 23.06 -27.11 1.94
N PHE B 103 24.35 -26.82 1.85
CA PHE B 103 24.82 -25.64 1.14
C PHE B 103 26.12 -25.87 0.39
N SER B 104 26.58 -24.82 -0.29
CA SER B 104 27.87 -24.83 -0.99
C SER B 104 28.35 -23.38 -1.15
N SER B 105 29.60 -23.13 -0.76
CA SER B 105 30.15 -21.78 -0.86
C SER B 105 31.36 -21.71 -1.80
N ASP B 106 31.11 -21.92 -3.08
CA ASP B 106 32.14 -21.78 -4.12
C ASP B 106 31.63 -20.94 -5.30
N LEU B 110 27.27 -19.43 -5.16
CA LEU B 110 26.78 -19.73 -3.80
C LEU B 110 25.35 -20.31 -3.81
N CYS B 111 25.21 -21.55 -3.32
CA CYS B 111 23.98 -22.32 -3.51
C CYS B 111 23.36 -22.88 -2.21
N LEU B 112 22.05 -23.09 -2.23
CA LEU B 112 21.35 -23.79 -1.15
C LEU B 112 20.57 -24.96 -1.72
N VAL B 113 20.58 -26.10 -1.03
CA VAL B 113 19.94 -27.32 -1.52
C VAL B 113 18.71 -27.69 -0.69
N TYR B 114 17.57 -27.89 -1.35
CA TYR B 114 16.32 -28.20 -0.64
C TYR B 114 15.73 -29.56 -1.00
N VAL B 115 14.91 -30.12 -0.11
CA VAL B 115 14.12 -31.30 -0.41
C VAL B 115 13.09 -31.03 -1.53
N TYR B 116 13.18 -31.81 -2.62
CA TYR B 116 12.30 -31.62 -3.77
C TYR B 116 10.85 -31.99 -3.44
N MET B 117 9.91 -31.19 -3.95
CA MET B 117 8.51 -31.39 -3.63
C MET B 117 7.75 -31.77 -4.90
N PRO B 118 7.62 -33.06 -5.15
CA PRO B 118 7.23 -33.52 -6.50
C PRO B 118 5.88 -33.03 -7.01
N ASN B 119 5.07 -32.36 -6.22
CA ASN B 119 3.78 -31.97 -6.76
C ASN B 119 3.64 -30.47 -7.04
N GLY B 120 4.73 -29.74 -6.81
CA GLY B 120 4.82 -28.34 -7.17
C GLY B 120 3.98 -27.47 -6.27
N SER B 121 3.72 -26.22 -6.69
CA SER B 121 3.06 -25.24 -5.81
C SER B 121 1.57 -25.50 -5.76
N LEU B 122 0.93 -25.06 -4.68
CA LEU B 122 -0.52 -25.10 -4.58
C LEU B 122 -1.17 -24.39 -5.75
N LEU B 123 -0.52 -23.35 -6.26
CA LEU B 123 -1.11 -22.58 -7.34
C LEU B 123 -1.20 -23.45 -8.56
N ASP B 124 -0.09 -24.11 -8.89
CA ASP B 124 -0.05 -25.04 -10.02
C ASP B 124 -1.15 -26.10 -9.89
N ARG B 125 -1.38 -26.60 -8.70
CA ARG B 125 -2.42 -27.59 -8.53
C ARG B 125 -3.85 -27.02 -8.54
N LEU B 126 -4.04 -25.80 -8.07
CA LEU B 126 -5.37 -25.19 -8.12
C LEU B 126 -5.81 -24.92 -9.54
N SER B 127 -4.83 -24.65 -10.41
CA SER B 127 -5.12 -24.33 -11.80
C SER B 127 -4.98 -25.54 -12.68
N CYS B 128 -4.77 -26.70 -12.05
CA CYS B 128 -4.62 -27.99 -12.75
C CYS B 128 -3.61 -27.86 -13.87
N LEU B 129 -2.52 -27.15 -13.59
CA LEU B 129 -1.50 -26.95 -14.61
C LEU B 129 -0.93 -28.29 -15.13
N ASP B 130 -0.58 -28.29 -16.41
CA ASP B 130 -0.08 -29.47 -17.12
C ASP B 130 -1.04 -30.67 -17.12
N GLY B 131 -2.30 -30.42 -16.80
CA GLY B 131 -3.33 -31.43 -16.97
C GLY B 131 -3.46 -32.37 -15.79
N THR B 132 -3.00 -31.95 -14.62
CA THR B 132 -3.18 -32.77 -13.43
C THR B 132 -4.63 -32.72 -12.97
N PRO B 133 -5.05 -33.67 -12.14
CA PRO B 133 -6.46 -33.54 -11.76
C PRO B 133 -6.70 -32.48 -10.72
N PRO B 134 -7.96 -32.06 -10.57
CA PRO B 134 -8.31 -31.03 -9.59
C PRO B 134 -8.35 -31.58 -8.17
N LEU B 135 -7.64 -30.96 -7.23
CA LEU B 135 -7.71 -31.38 -5.84
C LEU B 135 -9.15 -31.36 -5.38
N SER B 136 -9.56 -32.42 -4.70
CA SER B 136 -10.87 -32.48 -4.09
C SER B 136 -11.03 -31.44 -2.98
N TRP B 137 -12.26 -31.29 -2.51
CA TRP B 137 -12.53 -30.38 -1.41
C TRP B 137 -11.80 -30.87 -0.18
N HIS B 138 -11.88 -32.18 0.08
CA HIS B 138 -11.29 -32.73 1.29
C HIS B 138 -9.77 -32.51 1.27
N MET B 139 -9.15 -32.70 0.13
CA MET B 139 -7.71 -32.47 0.04
C MET B 139 -7.41 -31.01 0.28
N ARG B 140 -8.23 -30.15 -0.28
CA ARG B 140 -8.01 -28.73 -0.11
C ARG B 140 -8.06 -28.33 1.37
N CYS B 141 -8.93 -28.95 2.17
CA CYS B 141 -9.02 -28.55 3.57
C CYS B 141 -7.78 -28.98 4.33
N LYS B 142 -7.26 -30.17 4.00
CA LYS B 142 -6.06 -30.65 4.68
C LYS B 142 -4.90 -29.72 4.37
N ILE B 143 -4.75 -29.37 3.10
CA ILE B 143 -3.68 -28.48 2.65
C ILE B 143 -3.74 -27.12 3.35
N ALA B 144 -4.94 -26.54 3.38
CA ALA B 144 -5.21 -25.34 4.14
C ALA B 144 -4.71 -25.47 5.57
N GLN B 145 -5.26 -26.47 6.28
CA GLN B 145 -4.92 -26.75 7.68
C GLN B 145 -3.41 -26.87 7.82
N GLY B 146 -2.83 -27.54 6.84
CA GLY B 146 -1.40 -27.75 6.82
C GLY B 146 -0.62 -26.48 6.86
N ALA B 147 -0.77 -25.67 5.83
CA ALA B 147 -0.05 -24.40 5.71
C ALA B 147 -0.26 -23.49 6.92
N ALA B 148 -1.40 -23.59 7.61
CA ALA B 148 -1.57 -22.73 8.76
C ALA B 148 -0.67 -23.21 9.90
N ASN B 149 -0.41 -24.51 9.94
CA ASN B 149 0.48 -25.07 10.97
C ASN B 149 1.91 -24.59 10.75
N GLY B 150 2.30 -24.51 9.49
CA GLY B 150 3.61 -24.00 9.12
C GLY B 150 3.73 -22.52 9.44
N ILE B 151 2.67 -21.78 9.13
CA ILE B 151 2.66 -20.36 9.43
C ILE B 151 2.66 -20.14 10.95
N ASN B 152 1.95 -20.98 11.69
CA ASN B 152 1.89 -20.81 13.15
C ASN B 152 3.22 -21.09 13.81
N PHE B 153 3.98 -22.01 13.24
CA PHE B 153 5.28 -22.35 13.75
C PHE B 153 6.21 -21.18 13.54
N LEU B 154 6.09 -20.55 12.37
CA LEU B 154 6.93 -19.43 11.99
C LEU B 154 6.65 -18.18 12.84
N HIS B 155 5.41 -18.01 13.27
CA HIS B 155 5.07 -16.90 14.15
C HIS B 155 5.47 -17.16 15.61
N GLU B 156 5.62 -18.43 15.97
CA GLU B 156 6.00 -18.75 17.33
C GLU B 156 7.50 -18.67 17.47
N ASN B 157 8.23 -18.98 16.39
CA ASN B 157 9.68 -18.76 16.36
C ASN B 157 9.98 -17.32 15.99
N HIS B 158 9.05 -16.43 16.30
CA HIS B 158 9.15 -15.00 16.01
C HIS B 158 9.74 -14.73 14.63
N HIS B 159 8.93 -14.97 13.60
CA HIS B 159 9.37 -14.89 12.22
C HIS B 159 8.26 -14.35 11.29
N ILE B 160 8.61 -13.41 10.42
CA ILE B 160 7.61 -12.84 9.54
C ILE B 160 7.86 -13.29 8.10
N HIS B 161 6.92 -14.01 7.53
CA HIS B 161 7.15 -14.60 6.23
C HIS B 161 7.23 -13.54 5.15
N ARG B 162 6.25 -12.63 5.16
CA ARG B 162 6.25 -11.47 4.29
C ARG B 162 5.89 -11.78 2.85
N ASN B 163 5.52 -13.01 2.55
CA ASN B 163 5.32 -13.40 1.16
C ASN B 163 4.44 -14.62 1.00
N ILE B 164 3.54 -14.84 1.94
CA ILE B 164 2.54 -15.87 1.80
C ILE B 164 1.76 -15.66 0.52
N LYS B 165 2.04 -16.45 -0.51
CA LYS B 165 1.18 -16.50 -1.68
C LYS B 165 1.05 -17.97 -1.98
N SER B 166 0.09 -18.36 -2.81
CA SER B 166 -0.18 -19.78 -3.06
C SER B 166 0.80 -20.43 -4.04
N ALA B 167 2.05 -20.01 -4.06
CA ALA B 167 2.99 -20.48 -5.06
C ALA B 167 4.32 -20.57 -4.36
N ASN B 168 4.27 -20.17 -3.09
CA ASN B 168 5.32 -20.37 -2.12
C ASN B 168 4.87 -21.43 -1.12
N ILE B 169 3.74 -22.05 -1.43
CA ILE B 169 3.30 -23.22 -0.69
C ILE B 169 3.43 -24.48 -1.54
N LEU B 170 4.44 -25.30 -1.25
CA LEU B 170 4.67 -26.47 -2.11
C LEU B 170 3.94 -27.73 -1.60
N LEU B 171 3.91 -28.78 -2.43
CA LEU B 171 3.20 -30.02 -2.08
C LEU B 171 4.07 -31.27 -2.30
N ASP B 172 4.29 -32.05 -1.24
CA ASP B 172 5.12 -33.26 -1.37
C ASP B 172 4.39 -34.45 -2.04
N GLU B 173 4.92 -35.67 -1.95
CA GLU B 173 4.34 -36.74 -2.75
C GLU B 173 2.99 -37.17 -2.18
N ALA B 174 2.75 -36.81 -0.92
CA ALA B 174 1.50 -37.09 -0.20
C ALA B 174 0.48 -35.93 -0.23
N PHE B 175 0.82 -34.86 -0.96
CA PHE B 175 0.13 -33.56 -0.91
C PHE B 175 0.09 -32.93 0.44
N THR B 176 1.08 -33.24 1.27
CA THR B 176 1.33 -32.43 2.45
C THR B 176 1.73 -31.00 2.05
N ALA B 177 1.25 -30.00 2.80
CA ALA B 177 1.64 -28.60 2.51
C ALA B 177 3.02 -28.29 3.08
N LYS B 178 3.91 -27.80 2.23
CA LYS B 178 5.24 -27.40 2.68
C LYS B 178 5.44 -25.94 2.24
N ILE B 179 5.60 -25.06 3.23
CA ILE B 179 5.74 -23.61 3.01
C ILE B 179 7.19 -23.25 2.73
N SER B 180 7.44 -22.44 1.72
CA SER B 180 8.83 -22.05 1.49
C SER B 180 9.03 -20.55 1.21
N ASP B 181 10.30 -20.17 1.13
CA ASP B 181 10.76 -18.83 0.78
C ASP B 181 10.63 -17.86 1.95
N PHE B 182 11.59 -17.91 2.87
CA PHE B 182 11.52 -17.08 4.06
C PHE B 182 12.86 -17.03 4.79
N VAL B 195 8.07 6.97 2.41
CA VAL B 195 6.81 7.70 2.48
C VAL B 195 7.00 9.22 2.34
N MET B 196 7.50 9.61 1.17
CA MET B 196 7.32 10.97 0.66
C MET B 196 6.38 10.76 -0.52
N THR B 197 6.37 11.67 -1.49
CA THR B 197 5.55 11.42 -2.68
C THR B 197 6.23 10.38 -3.56
N SER B 198 5.63 9.19 -3.66
CA SER B 198 6.26 8.06 -4.33
C SER B 198 5.28 7.18 -5.10
N ARG B 199 5.77 6.03 -5.56
CA ARG B 199 4.91 5.08 -6.27
C ARG B 199 5.17 3.62 -5.82
N ILE B 200 4.09 2.90 -5.53
CA ILE B 200 4.18 1.52 -5.05
C ILE B 200 4.48 0.57 -6.21
N VAL B 201 5.09 -0.57 -5.91
CA VAL B 201 5.49 -1.51 -6.96
C VAL B 201 5.25 -2.98 -6.62
N GLY B 202 5.07 -3.28 -5.34
CA GLY B 202 4.88 -4.66 -4.90
C GLY B 202 3.61 -5.30 -5.45
N THR B 203 3.62 -6.62 -5.57
CA THR B 203 2.45 -7.34 -6.06
C THR B 203 1.27 -7.20 -5.10
N THR B 204 0.44 -6.19 -5.37
CA THR B 204 -0.68 -5.81 -4.52
C THR B 204 -1.65 -6.95 -4.22
N ALA B 205 -1.58 -8.01 -5.02
CA ALA B 205 -2.58 -9.07 -4.98
C ALA B 205 -2.64 -9.82 -3.65
N TYR B 206 -1.53 -9.84 -2.92
CA TYR B 206 -1.49 -10.56 -1.64
C TYR B 206 -1.23 -9.65 -0.44
N MET B 207 -0.54 -8.53 -0.62
CA MET B 207 -0.22 -7.69 0.54
C MET B 207 -1.46 -7.03 1.14
N ALA B 208 -1.52 -7.03 2.47
CA ALA B 208 -2.48 -6.21 3.20
C ALA B 208 -2.23 -4.71 2.96
N PRO B 209 -3.21 -3.88 3.31
CA PRO B 209 -3.02 -2.43 3.17
C PRO B 209 -1.80 -1.92 3.97
N GLU B 210 -1.73 -2.20 5.26
CA GLU B 210 -0.64 -1.66 6.09
C GLU B 210 0.74 -2.05 5.56
N ALA B 211 0.85 -3.23 4.95
CA ALA B 211 2.10 -3.65 4.31
C ALA B 211 2.45 -2.77 3.12
N LEU B 212 1.46 -2.52 2.25
CA LEU B 212 1.64 -1.60 1.13
C LEU B 212 2.04 -0.21 1.63
N ARG B 213 1.71 0.09 2.89
CA ARG B 213 2.10 1.35 3.54
C ARG B 213 3.42 1.25 4.26
N GLY B 214 4.07 0.09 4.14
CA GLY B 214 5.39 -0.09 4.73
C GLY B 214 5.47 -0.63 6.15
N GLU B 215 4.34 -0.93 6.79
CA GLU B 215 4.39 -1.64 8.07
C GLU B 215 4.89 -3.07 7.82
N ILE B 216 5.62 -3.62 8.79
CA ILE B 216 6.10 -5.01 8.71
C ILE B 216 5.69 -5.84 9.93
N THR B 217 4.70 -6.72 9.76
CA THR B 217 4.06 -7.37 10.90
C THR B 217 3.47 -8.75 10.61
N PRO B 218 3.37 -9.62 11.64
CA PRO B 218 2.70 -10.92 11.46
C PRO B 218 1.26 -10.77 11.02
N LYS B 219 0.58 -9.72 11.48
CA LYS B 219 -0.80 -9.46 11.07
C LYS B 219 -0.93 -9.35 9.54
N SER B 220 0.17 -9.03 8.87
CA SER B 220 0.20 -9.00 7.41
C SER B 220 0.28 -10.41 6.84
N ASP B 221 0.93 -11.33 7.55
CA ASP B 221 0.97 -12.74 7.10
C ASP B 221 -0.44 -13.32 7.06
N ILE B 222 -1.26 -12.99 8.05
CA ILE B 222 -2.65 -13.46 8.09
C ILE B 222 -3.46 -12.97 6.89
N TYR B 223 -3.20 -11.75 6.48
CA TYR B 223 -3.99 -11.18 5.40
C TYR B 223 -3.74 -12.00 4.16
N SER B 224 -2.47 -12.26 3.88
CA SER B 224 -2.12 -12.99 2.66
C SER B 224 -2.71 -14.40 2.69
N PHE B 225 -2.77 -14.99 3.89
CA PHE B 225 -3.35 -16.31 4.06
C PHE B 225 -4.81 -16.28 3.60
N GLY B 226 -5.50 -15.21 3.98
CA GLY B 226 -6.87 -14.99 3.58
C GLY B 226 -7.08 -15.11 2.09
N VAL B 227 -6.21 -14.49 1.30
CA VAL B 227 -6.37 -14.58 -0.15
C VAL B 227 -6.12 -16.01 -0.58
N VAL B 228 -5.19 -16.70 0.07
CA VAL B 228 -4.97 -18.13 -0.24
C VAL B 228 -6.25 -18.93 -0.10
N LEU B 229 -6.95 -18.76 1.02
CA LEU B 229 -8.22 -19.46 1.23
C LEU B 229 -9.23 -19.20 0.09
N LEU B 230 -9.30 -17.97 -0.44
CA LEU B 230 -10.19 -17.69 -1.57
C LEU B 230 -9.72 -18.39 -2.85
N GLU B 231 -8.41 -18.42 -3.09
CA GLU B 231 -7.89 -19.23 -4.20
C GLU B 231 -8.31 -20.70 -4.04
N ILE B 232 -8.16 -21.18 -2.81
CA ILE B 232 -8.52 -22.54 -2.50
C ILE B 232 -10.02 -22.77 -2.73
N ILE B 233 -10.86 -21.82 -2.34
CA ILE B 233 -12.31 -22.02 -2.50
C ILE B 233 -12.76 -21.85 -3.95
N THR B 234 -12.08 -21.00 -4.70
CA THR B 234 -12.63 -20.58 -5.98
C THR B 234 -11.87 -21.15 -7.14
N GLY B 235 -10.63 -21.57 -6.88
CA GLY B 235 -9.77 -22.05 -7.94
C GLY B 235 -9.26 -20.94 -8.84
N LEU B 236 -9.72 -19.71 -8.58
CA LEU B 236 -9.31 -18.50 -9.30
C LEU B 236 -7.97 -17.99 -8.81
N PRO B 237 -7.23 -17.30 -9.68
CA PRO B 237 -5.96 -16.66 -9.31
C PRO B 237 -6.17 -15.30 -8.62
N ALA B 238 -5.32 -15.00 -7.63
CA ALA B 238 -5.45 -13.81 -6.78
C ALA B 238 -5.56 -12.46 -7.54
N VAL B 239 -4.95 -12.37 -8.73
CA VAL B 239 -5.17 -11.22 -9.60
C VAL B 239 -5.29 -11.70 -11.05
N ASP B 240 -6.13 -11.02 -11.82
CA ASP B 240 -6.37 -11.39 -13.21
C ASP B 240 -6.77 -10.14 -13.94
N GLU B 241 -5.84 -9.61 -14.72
CA GLU B 241 -5.97 -8.31 -15.36
C GLU B 241 -7.21 -8.19 -16.25
N HIS B 242 -7.73 -9.31 -16.75
CA HIS B 242 -8.87 -9.31 -17.67
C HIS B 242 -10.17 -9.82 -17.03
N ARG B 243 -10.26 -9.66 -15.72
CA ARG B 243 -11.43 -10.07 -14.95
C ARG B 243 -11.98 -8.92 -14.08
N GLU B 244 -13.30 -8.89 -13.86
CA GLU B 244 -13.85 -7.99 -12.82
C GLU B 244 -14.48 -8.80 -11.69
N PRO B 245 -14.02 -8.59 -10.45
CA PRO B 245 -12.91 -7.69 -10.14
C PRO B 245 -11.59 -8.27 -10.60
N GLN B 246 -10.60 -7.40 -10.72
CA GLN B 246 -9.26 -7.82 -10.99
C GLN B 246 -8.71 -8.58 -9.81
N LEU B 247 -8.67 -7.94 -8.66
CA LEU B 247 -8.15 -8.59 -7.45
C LEU B 247 -9.21 -9.50 -6.87
N LEU B 248 -8.77 -10.68 -6.42
CA LEU B 248 -9.68 -11.69 -5.93
C LEU B 248 -10.13 -11.36 -4.53
N LEU B 249 -9.32 -10.65 -3.77
CA LEU B 249 -9.76 -10.22 -2.44
C LEU B 249 -10.92 -9.21 -2.57
N ASP B 250 -11.16 -8.73 -3.78
CA ASP B 250 -12.28 -7.81 -3.99
C ASP B 250 -13.63 -8.51 -3.89
N ILE B 251 -13.69 -9.84 -3.94
CA ILE B 251 -15.01 -10.47 -3.97
C ILE B 251 -15.67 -10.44 -2.61
N LYS B 252 -14.85 -10.33 -1.56
CA LYS B 252 -15.37 -10.26 -0.21
C LYS B 252 -16.35 -9.12 -0.10
N GLU B 253 -15.93 -7.94 -0.56
CA GLU B 253 -16.80 -6.76 -0.60
C GLU B 253 -18.05 -7.06 -1.42
N GLU B 254 -17.86 -7.52 -2.66
CA GLU B 254 -18.95 -7.99 -3.54
C GLU B 254 -19.96 -8.90 -2.84
N ILE B 255 -19.48 -9.74 -1.93
CA ILE B 255 -20.36 -10.66 -1.21
C ILE B 255 -21.04 -9.99 -0.01
N GLU B 256 -20.32 -9.10 0.65
CA GLU B 256 -20.86 -8.40 1.83
C GLU B 256 -22.06 -7.54 1.46
N ASP B 257 -21.90 -6.76 0.40
CA ASP B 257 -22.95 -5.89 -0.12
C ASP B 257 -24.12 -6.70 -0.70
N GLU B 258 -23.99 -8.02 -0.69
CA GLU B 258 -25.05 -8.91 -1.16
C GLU B 258 -25.33 -8.77 -2.66
N GLU B 259 -24.33 -8.34 -3.40
CA GLU B 259 -24.40 -8.38 -4.86
C GLU B 259 -24.19 -9.83 -5.32
N LYS B 260 -23.48 -10.62 -4.52
CA LYS B 260 -23.22 -12.03 -4.79
C LYS B 260 -23.30 -12.88 -3.52
N THR B 261 -23.04 -14.18 -3.67
CA THR B 261 -22.92 -15.10 -2.54
C THR B 261 -21.67 -15.97 -2.75
N ILE B 262 -21.19 -16.66 -1.71
CA ILE B 262 -19.97 -17.47 -1.86
C ILE B 262 -20.14 -18.66 -2.83
N GLU B 263 -21.35 -19.20 -2.91
CA GLU B 263 -21.66 -20.24 -3.89
C GLU B 263 -21.31 -19.82 -5.31
N ASP B 264 -21.66 -18.59 -5.69
CA ASP B 264 -21.40 -18.12 -7.05
C ASP B 264 -19.93 -18.22 -7.44
N TYR B 265 -19.07 -18.38 -6.45
CA TYR B 265 -17.63 -18.36 -6.70
C TYR B 265 -16.92 -19.70 -6.46
N ILE B 266 -17.64 -20.69 -5.94
CA ILE B 266 -17.03 -21.98 -5.61
C ILE B 266 -16.45 -22.65 -6.83
N ASP B 267 -15.25 -23.19 -6.69
CA ASP B 267 -14.58 -23.92 -7.75
C ASP B 267 -15.50 -25.02 -8.27
N LYS B 268 -15.90 -24.90 -9.53
CA LYS B 268 -16.69 -25.95 -10.13
C LYS B 268 -15.92 -27.28 -10.29
N LYS B 269 -14.59 -27.23 -10.22
CA LYS B 269 -13.78 -28.43 -10.43
C LYS B 269 -13.66 -29.28 -9.15
N MET B 270 -14.68 -29.21 -8.29
CA MET B 270 -14.80 -30.06 -7.11
C MET B 270 -16.09 -30.88 -7.20
N ASN B 271 -16.15 -32.06 -6.61
CA ASN B 271 -17.43 -32.78 -6.57
C ASN B 271 -17.90 -33.04 -5.13
N ASP B 272 -17.07 -32.67 -4.16
CA ASP B 272 -17.32 -32.99 -2.75
C ASP B 272 -17.41 -31.78 -1.82
N ALA B 273 -17.43 -30.58 -2.38
CA ALA B 273 -17.53 -29.39 -1.54
C ALA B 273 -18.95 -29.19 -1.01
N ASP B 274 -19.18 -29.55 0.24
CA ASP B 274 -20.49 -29.29 0.85
C ASP B 274 -20.60 -27.82 1.29
N SER B 275 -21.80 -27.25 1.14
CA SER B 275 -22.04 -25.84 1.38
C SER B 275 -21.57 -25.40 2.76
N THR B 276 -21.89 -26.21 3.76
CA THR B 276 -21.59 -25.86 5.14
C THR B 276 -20.12 -25.52 5.38
N SER B 277 -19.22 -26.45 5.11
CA SER B 277 -17.81 -26.22 5.41
C SER B 277 -17.18 -25.19 4.46
N VAL B 278 -17.65 -25.10 3.22
CA VAL B 278 -17.21 -24.07 2.31
C VAL B 278 -17.46 -22.72 2.94
N GLU B 279 -18.69 -22.50 3.39
CA GLU B 279 -19.02 -21.28 4.09
C GLU B 279 -18.18 -21.11 5.36
N ALA B 280 -17.90 -22.22 6.03
CA ALA B 280 -17.02 -22.19 7.18
C ALA B 280 -15.65 -21.62 6.82
N MET B 281 -15.04 -22.13 5.77
CA MET B 281 -13.71 -21.67 5.38
C MET B 281 -13.79 -20.22 4.90
N TYR B 282 -14.86 -19.89 4.18
CA TYR B 282 -15.05 -18.53 3.73
C TYR B 282 -15.03 -17.61 4.93
N SER B 283 -15.66 -18.06 6.02
CA SER B 283 -15.70 -17.29 7.25
C SER B 283 -14.33 -17.02 7.83
N VAL B 284 -13.40 -17.96 7.71
CA VAL B 284 -12.04 -17.70 8.14
C VAL B 284 -11.39 -16.72 7.17
N ALA B 285 -11.52 -17.00 5.87
CA ALA B 285 -11.00 -16.09 4.85
C ALA B 285 -11.46 -14.66 5.11
N SER B 286 -12.73 -14.54 5.52
CA SER B 286 -13.35 -13.25 5.71
C SER B 286 -12.71 -12.50 6.89
N GLN B 287 -12.53 -13.19 8.01
CA GLN B 287 -11.89 -12.60 9.18
C GLN B 287 -10.42 -12.26 8.91
N CYS B 288 -9.71 -13.17 8.27
CA CYS B 288 -8.32 -12.91 7.90
C CYS B 288 -8.15 -11.62 7.11
N LEU B 289 -9.13 -11.32 6.24
CA LEU B 289 -9.03 -10.19 5.31
C LEU B 289 -9.59 -8.88 5.88
N HIS B 290 -9.80 -8.84 7.19
CA HIS B 290 -10.27 -7.62 7.85
C HIS B 290 -9.28 -6.49 7.59
N GLU B 291 -9.80 -5.34 7.13
CA GLU B 291 -8.98 -4.23 6.69
C GLU B 291 -8.12 -3.57 7.78
N LYS B 292 -8.57 -3.57 9.03
CA LYS B 292 -7.72 -3.06 10.09
C LYS B 292 -7.04 -4.20 10.83
N LYS B 293 -5.70 -4.22 10.80
CA LYS B 293 -4.89 -5.39 11.19
C LYS B 293 -5.16 -5.98 12.59
N ASN B 294 -5.58 -5.17 13.54
CA ASN B 294 -5.80 -5.69 14.89
C ASN B 294 -7.18 -6.32 15.10
N LYS B 295 -8.02 -6.28 14.07
CA LYS B 295 -9.29 -6.99 14.16
C LYS B 295 -9.14 -8.42 13.65
N ARG B 296 -8.17 -8.66 12.76
CA ARG B 296 -7.89 -10.01 12.23
C ARG B 296 -7.50 -10.99 13.33
N PRO B 297 -7.87 -12.27 13.16
CA PRO B 297 -7.49 -13.33 14.10
C PRO B 297 -5.97 -13.52 14.15
N ASP B 298 -5.42 -13.93 15.30
CA ASP B 298 -4.03 -14.33 15.35
C ASP B 298 -3.96 -15.71 14.72
N ILE B 299 -2.77 -16.13 14.30
CA ILE B 299 -2.65 -17.37 13.53
C ILE B 299 -3.07 -18.61 14.32
N LYS B 300 -2.89 -18.56 15.63
CA LYS B 300 -3.28 -19.67 16.49
C LYS B 300 -4.80 -19.89 16.45
N LYS B 301 -5.56 -18.83 16.19
CA LYS B 301 -7.02 -18.92 16.12
C LYS B 301 -7.49 -19.43 14.77
N VAL B 302 -6.73 -19.15 13.72
CA VAL B 302 -7.06 -19.66 12.40
C VAL B 302 -6.90 -21.17 12.38
N GLN B 303 -5.88 -21.65 13.10
CA GLN B 303 -5.68 -23.07 13.26
C GLN B 303 -6.94 -23.68 13.86
N GLN B 304 -7.37 -23.12 14.98
CA GLN B 304 -8.59 -23.59 15.65
C GLN B 304 -9.79 -23.57 14.71
N LEU B 305 -10.14 -22.40 14.17
CA LEU B 305 -11.29 -22.28 13.28
C LEU B 305 -11.22 -23.28 12.13
N LEU B 306 -10.03 -23.49 11.58
CA LEU B 306 -9.86 -24.47 10.50
C LEU B 306 -10.05 -25.90 10.98
N GLN B 307 -9.60 -26.19 12.21
CA GLN B 307 -9.74 -27.53 12.77
C GLN B 307 -11.21 -27.88 12.98
N GLU B 308 -11.95 -27.00 13.66
CA GLU B 308 -13.37 -27.21 13.93
C GLU B 308 -14.17 -27.45 12.65
N MET B 309 -13.52 -27.19 11.51
CA MET B 309 -14.16 -27.28 10.22
C MET B 309 -14.24 -28.72 9.71
N THR B 310 -13.54 -29.63 10.38
CA THR B 310 -13.59 -31.04 9.98
C THR B 310 -13.91 -31.94 11.17
O4 STU C . 7.41 23.71 -2.93
C25 STU C . 7.08 24.40 -1.62
C24 STU C . 6.43 23.45 -0.69
C23 STU C . 6.26 22.13 -1.31
C22 STU C . 5.49 22.27 -2.60
C21 STU C . 6.31 22.97 -3.64
C26 STU C . 7.05 21.97 -4.54
N2 STU C . 5.44 23.84 -4.36
C18 STU C . 5.12 25.09 -3.98
C19 STU C . 5.50 25.83 -2.90
C6 STU C . 4.99 27.15 -2.74
C7 STU C . 4.09 27.70 -3.68
C10 STU C . 3.71 26.92 -4.73
C11 STU C . 4.20 25.63 -4.91
C12 STU C . 3.99 24.65 -5.89
C17 STU C . 4.76 23.54 -5.53
C16 STU C . 4.71 22.42 -6.36
C15 STU C . 3.90 22.47 -7.49
C14 STU C . 3.14 23.56 -7.82
C13 STU C . 3.16 24.70 -7.02
C9 STU C . 2.73 27.72 -5.61
N1 STU C . 2.56 28.99 -4.98
C8 STU C . 3.37 29.03 -3.81
O5 STU C . 3.44 29.98 -3.06
C5 STU C . 5.59 27.63 -1.56
C20 STU C . 6.43 26.62 -1.05
C1 STU C . 7.15 26.82 0.13
C2 STU C . 7.02 28.04 0.77
C3 STU C . 6.20 29.02 0.28
C4 STU C . 5.47 28.85 -0.88
N3 STU C . 6.32 25.54 -1.92
O6 STU C . 4.30 23.00 -2.28
C27 STU C . 3.05 22.45 -2.70
N4 STU C . 5.55 21.25 -0.38
C28 STU C . 5.79 19.85 -0.71
O4 STU D . 10.41 -22.14 -7.68
C25 STU D . 9.22 -23.05 -7.87
C24 STU D . 7.96 -22.39 -7.51
C23 STU D . 8.21 -20.99 -7.07
C22 STU D . 9.15 -21.03 -5.90
C21 STU D . 10.50 -21.35 -6.40
C26 STU D . 11.20 -20.03 -6.79
N2 STU D . 11.13 -22.15 -5.43
C18 STU D . 10.98 -23.48 -5.34
C19 STU D . 10.28 -24.37 -6.09
C6 STU D . 10.29 -25.76 -5.77
C7 STU D . 11.03 -26.22 -4.65
C10 STU D . 11.72 -25.30 -3.91
C11 STU D . 11.71 -23.95 -4.21
C12 STU D . 12.31 -22.82 -3.63
C17 STU D . 11.93 -21.70 -4.41
C16 STU D . 12.40 -20.44 -4.03
C15 STU D . 13.23 -20.35 -2.91
C14 STU D . 13.59 -21.44 -2.17
C13 STU D . 13.15 -22.72 -2.50
C9 STU D . 12.42 -26.05 -2.77
N1 STU D . 12.10 -27.44 -2.91
C8 STU D . 11.26 -27.58 -4.03
O5 STU D . 10.82 -28.65 -4.40
C5 STU D . 9.49 -26.40 -6.74
C20 STU D . 9.00 -25.39 -7.61
C1 STU D . 8.17 -25.70 -8.68
C2 STU D . 7.83 -27.04 -8.84
C3 STU D . 8.29 -28.03 -8.00
C4 STU D . 9.12 -27.73 -6.93
N3 STU D . 9.52 -24.19 -7.14
O6 STU D . 8.71 -22.06 -5.00
C27 STU D . 8.21 -21.66 -3.72
N4 STU D . 6.93 -20.40 -6.70
C28 STU D . 7.03 -18.97 -6.65
S SO4 E . 5.98 16.19 -3.22
O1 SO4 E . 6.06 15.57 -4.55
O2 SO4 E . 4.75 15.77 -2.56
O3 SO4 E . 7.15 15.77 -2.43
O4 SO4 E . 5.96 17.65 -3.37
S SO4 F . 5.73 -19.48 -10.13
O1 SO4 F . 5.07 -18.31 -9.52
O2 SO4 F . 5.48 -19.45 -11.56
O3 SO4 F . 5.18 -20.71 -9.55
O4 SO4 F . 7.17 -19.39 -9.90
S SO4 G . 2.78 -4.93 15.29
O1 SO4 G . 3.92 -4.06 15.59
O2 SO4 G . 1.80 -4.85 16.37
O3 SO4 G . 2.16 -4.46 14.06
O4 SO4 G . 3.24 -6.31 15.15
#